data_9N0J
#
_entry.id   9N0J
#
_cell.length_a   44.601
_cell.length_b   44.601
_cell.length_c   128.033
_cell.angle_alpha   90.00
_cell.angle_beta   90.00
_cell.angle_gamma   90.00
#
_symmetry.space_group_name_H-M   'P 41 21 2'
#
loop_
_entity.id
_entity.type
_entity.pdbx_description
1 polymer 'De novo designed KABLE protein'
2 non-polymer 5-nitro-1H-benzotriazole
3 non-polymer 'CACODYLATE ION'
4 non-polymer 'ZINC ION'
5 water water
#
_entity_poly.entity_id   1
_entity_poly.type   'polypeptide(L)'
_entity_poly.pdbx_seq_one_letter_code
;SSLKEKFAEYEAIGPRILELWQAARNAFEAGDLARVANLLAELKELFKKDLNLANAMAAEAAEAGNKEAVALLAEQLERL
KKIQAMFAAAVNAFRAGDREAFGALLEAIINEGKALLPLVEAIKEAI
;
_entity_poly.pdbx_strand_id   A
#
# COMPACT_ATOMS: atom_id res chain seq x y z
N SER A 2 -21.08 -5.08 -2.93
CA SER A 2 -20.74 -6.54 -3.00
C SER A 2 -19.22 -6.77 -3.13
N LEU A 3 -18.78 -8.02 -3.00
CA LEU A 3 -17.35 -8.31 -2.97
C LEU A 3 -16.67 -7.94 -4.28
N LYS A 4 -17.21 -8.43 -5.42
CA LYS A 4 -16.63 -8.03 -6.70
C LYS A 4 -16.71 -6.53 -6.91
N GLU A 5 -17.79 -5.91 -6.43
CA GLU A 5 -17.86 -4.46 -6.42
C GLU A 5 -16.70 -3.85 -5.65
N LYS A 6 -16.49 -4.30 -4.41
CA LYS A 6 -15.36 -3.83 -3.59
C LYS A 6 -14.02 -4.11 -4.27
N PHE A 7 -13.83 -5.32 -4.78
CA PHE A 7 -12.57 -5.62 -5.45
C PHE A 7 -12.37 -4.73 -6.66
N ALA A 8 -13.45 -4.43 -7.37
CA ALA A 8 -13.32 -3.53 -8.51
C ALA A 8 -12.77 -2.17 -8.09
N GLU A 9 -13.19 -1.68 -6.93
CA GLU A 9 -12.66 -0.43 -6.40
C GLU A 9 -11.20 -0.60 -5.98
N TYR A 10 -10.92 -1.71 -5.29
CA TYR A 10 -9.58 -1.97 -4.75
C TYR A 10 -8.53 -2.06 -5.85
N GLU A 11 -8.87 -2.73 -6.94
CA GLU A 11 -7.92 -3.09 -7.99
C GLU A 11 -7.14 -1.90 -8.49
N ALA A 12 -7.78 -0.74 -8.57
CA ALA A 12 -7.14 0.43 -9.14
C ALA A 12 -6.36 1.23 -8.13
N ILE A 13 -6.60 1.00 -6.83
CA ILE A 13 -5.93 1.81 -5.81
C ILE A 13 -4.45 1.47 -5.72
N GLY A 14 -4.13 0.17 -5.70
CA GLY A 14 -2.77 -0.25 -5.48
C GLY A 14 -1.78 0.37 -6.43
N PRO A 15 -2.11 0.37 -7.72
CA PRO A 15 -1.16 0.99 -8.68
C PRO A 15 -1.03 2.49 -8.52
N ARG A 16 -2.11 3.20 -8.15
CA ARG A 16 -1.97 4.63 -7.87
C ARG A 16 -1.03 4.87 -6.69
N ILE A 17 -1.14 4.02 -5.66
CA ILE A 17 -0.27 4.13 -4.50
C ILE A 17 1.17 3.91 -4.92
N LEU A 18 1.42 2.85 -5.69
CA LEU A 18 2.77 2.55 -6.09
C LEU A 18 3.36 3.69 -6.92
N GLU A 19 2.55 4.29 -7.78
CA GLU A 19 3.02 5.42 -8.59
C GLU A 19 3.46 6.59 -7.71
N LEU A 20 2.74 6.85 -6.61
CA LEU A 20 3.08 7.93 -5.68
C LEU A 20 4.39 7.67 -4.94
N TRP A 21 4.60 6.43 -4.48
CA TRP A 21 5.87 6.07 -3.85
C TRP A 21 7.03 6.33 -4.81
N GLN A 22 6.87 5.96 -6.09
CA GLN A 22 7.93 6.17 -7.08
C GLN A 22 8.15 7.66 -7.31
N ALA A 23 7.07 8.42 -7.34
CA ALA A 23 7.14 9.87 -7.43
C ALA A 23 7.80 10.48 -6.21
N ALA A 24 7.55 9.88 -5.04
CA ALA A 24 8.18 10.40 -3.84
C ALA A 24 9.69 10.17 -3.88
N ARG A 25 10.12 9.01 -4.37
CA ARG A 25 11.55 8.74 -4.42
C ARG A 25 12.25 9.63 -5.43
N ASN A 26 11.64 9.82 -6.60
CA ASN A 26 12.23 10.72 -7.59
C ASN A 26 12.36 12.12 -7.01
N ALA A 27 11.31 12.61 -6.36
CA ALA A 27 11.36 13.94 -5.76
C ALA A 27 12.44 14.05 -4.68
N PHE A 28 12.52 13.05 -3.80
CA PHE A 28 13.53 13.07 -2.74
C PHE A 28 14.94 13.09 -3.32
N GLU A 29 15.21 12.25 -4.33
CA GLU A 29 16.56 12.21 -4.88
C GLU A 29 16.93 13.51 -5.57
N ALA A 30 15.96 14.35 -5.92
CA ALA A 30 16.23 15.60 -6.58
C ALA A 30 16.26 16.77 -5.61
N GLY A 31 16.00 16.52 -4.33
CA GLY A 31 16.00 17.56 -3.31
C GLY A 31 14.71 18.33 -3.18
N ASP A 32 13.65 17.94 -3.91
CA ASP A 32 12.36 18.66 -3.91
C ASP A 32 11.54 18.26 -2.68
N LEU A 33 11.90 18.82 -1.52
CA LEU A 33 11.35 18.34 -0.25
C LEU A 33 9.89 18.76 -0.08
N ALA A 34 9.52 19.90 -0.65
CA ALA A 34 8.12 20.29 -0.70
C ALA A 34 7.28 19.20 -1.31
N ARG A 35 7.66 18.74 -2.50
CA ARG A 35 6.84 17.79 -3.22
C ARG A 35 6.82 16.45 -2.52
N VAL A 36 7.95 16.04 -1.91
CA VAL A 36 7.92 14.80 -1.14
C VAL A 36 6.87 14.88 -0.05
N ALA A 37 6.80 16.00 0.66
CA ALA A 37 5.84 16.13 1.73
C ALA A 37 4.41 16.07 1.23
N ASN A 38 4.15 16.70 0.07
CA ASN A 38 2.83 16.65 -0.54
C ASN A 38 2.46 15.22 -0.89
N LEU A 39 3.40 14.51 -1.52
CA LEU A 39 3.18 13.12 -1.90
C LEU A 39 2.92 12.25 -0.69
N LEU A 40 3.69 12.46 0.38
CA LEU A 40 3.47 11.69 1.60
C LEU A 40 2.09 11.98 2.17
N ALA A 41 1.61 13.20 2.03
CA ALA A 41 0.28 13.51 2.50
C ALA A 41 -0.79 12.91 1.62
N GLU A 42 -0.56 12.87 0.30
CA GLU A 42 -1.50 12.17 -0.56
C GLU A 42 -1.53 10.68 -0.22
N LEU A 43 -0.36 10.11 0.10
CA LEU A 43 -0.29 8.69 0.39
C LEU A 43 -1.00 8.33 1.67
N LYS A 44 -1.02 9.24 2.67
CA LYS A 44 -1.71 8.93 3.91
C LYS A 44 -3.16 8.62 3.64
N GLU A 45 -3.80 9.42 2.78
CA GLU A 45 -5.24 9.24 2.58
C GLU A 45 -5.51 8.01 1.71
N LEU A 46 -4.74 7.80 0.65
CA LEU A 46 -4.96 6.65 -0.23
C LEU A 46 -4.65 5.35 0.50
N PHE A 47 -3.54 5.31 1.21
CA PHE A 47 -3.20 4.08 1.90
C PHE A 47 -4.27 3.74 2.93
N LYS A 48 -4.82 4.76 3.63
CA LYS A 48 -5.93 4.48 4.54
C LYS A 48 -7.11 3.87 3.78
N LYS A 49 -7.46 4.41 2.61
CA LYS A 49 -8.56 3.84 1.83
C LYS A 49 -8.28 2.40 1.45
N ASP A 50 -7.05 2.13 0.98
CA ASP A 50 -6.66 0.79 0.55
C ASP A 50 -6.89 -0.20 1.67
N LEU A 51 -6.35 0.09 2.86
CA LEU A 51 -6.44 -0.81 4.00
C LEU A 51 -7.89 -1.00 4.47
N ASN A 52 -8.69 0.07 4.45
CA ASN A 52 -10.08 -0.09 4.80
C ASN A 52 -10.79 -1.04 3.84
N LEU A 53 -10.48 -0.94 2.53
CA LEU A 53 -11.15 -1.77 1.53
C LEU A 53 -10.70 -3.22 1.61
N ALA A 54 -9.39 -3.44 1.77
CA ALA A 54 -8.84 -4.78 1.96
C ALA A 54 -9.46 -5.45 3.17
N ASN A 55 -9.62 -4.73 4.28
CA ASN A 55 -10.24 -5.36 5.45
C ASN A 55 -11.70 -5.69 5.20
N ALA A 56 -12.40 -4.80 4.48
CA ALA A 56 -13.80 -5.07 4.10
C ALA A 56 -13.91 -6.29 3.21
N MET A 57 -13.01 -6.42 2.23
CA MET A 57 -13.03 -7.61 1.37
C MET A 57 -12.73 -8.88 2.14
N ALA A 58 -11.77 -8.83 3.07
CA ALA A 58 -11.47 -9.99 3.90
C ALA A 58 -12.69 -10.41 4.71
N ALA A 59 -13.44 -9.43 5.24
CA ALA A 59 -14.59 -9.80 6.05
C ALA A 59 -15.66 -10.42 5.19
N GLU A 60 -15.87 -9.88 3.99
CA GLU A 60 -16.89 -10.44 3.10
C GLU A 60 -16.49 -11.82 2.60
N ALA A 61 -15.19 -12.06 2.37
CA ALA A 61 -14.75 -13.36 1.88
C ALA A 61 -14.92 -14.40 2.97
N ALA A 62 -14.65 -14.02 4.23
CA ALA A 62 -14.96 -14.90 5.35
C ALA A 62 -16.46 -15.19 5.44
N GLU A 63 -17.30 -14.16 5.31
CA GLU A 63 -18.75 -14.41 5.38
C GLU A 63 -19.19 -15.41 4.33
N ALA A 64 -18.55 -15.42 3.15
CA ALA A 64 -18.92 -16.34 2.07
C ALA A 64 -18.26 -17.72 2.22
N GLY A 65 -17.40 -17.90 3.21
CA GLY A 65 -16.73 -19.19 3.33
C GLY A 65 -15.81 -19.48 2.18
N ASN A 66 -15.26 -18.45 1.55
CA ASN A 66 -14.33 -18.60 0.43
C ASN A 66 -12.92 -18.76 1.00
N LYS A 67 -12.56 -20.03 1.27
CA LYS A 67 -11.29 -20.37 1.91
C LYS A 67 -10.10 -19.77 1.18
N GLU A 68 -10.02 -19.95 -0.12
CA GLU A 68 -8.78 -19.50 -0.73
C GLU A 68 -8.74 -18.00 -0.89
N ALA A 69 -9.88 -17.30 -1.01
CA ALA A 69 -9.77 -15.84 -0.99
C ALA A 69 -9.41 -15.33 0.41
N VAL A 70 -9.96 -15.98 1.46
CA VAL A 70 -9.59 -15.62 2.83
C VAL A 70 -8.10 -15.73 3.02
N ALA A 71 -7.50 -16.81 2.52
CA ALA A 71 -6.05 -16.97 2.69
C ALA A 71 -5.25 -15.89 1.94
N LEU A 72 -5.61 -15.59 0.68
CA LEU A 72 -4.93 -14.58 -0.11
C LEU A 72 -5.14 -13.20 0.48
N LEU A 73 -6.34 -12.91 0.94
CA LEU A 73 -6.57 -11.60 1.55
C LEU A 73 -5.81 -11.47 2.87
N ALA A 74 -5.65 -12.57 3.61
CA ALA A 74 -4.84 -12.58 4.82
C ALA A 74 -3.39 -12.20 4.53
N GLU A 75 -2.82 -12.76 3.45
CA GLU A 75 -1.48 -12.39 3.02
C GLU A 75 -1.41 -10.92 2.64
N GLN A 76 -2.39 -10.47 1.87
CA GLN A 76 -2.43 -9.07 1.47
C GLN A 76 -2.46 -8.18 2.69
N LEU A 77 -3.34 -8.47 3.66
CA LEU A 77 -3.44 -7.60 4.83
C LEU A 77 -2.17 -7.63 5.65
N GLU A 78 -1.48 -8.78 5.72
CA GLU A 78 -0.27 -8.86 6.51
C GLU A 78 0.83 -8.02 5.88
N ARG A 79 0.91 -8.04 4.55
CA ARG A 79 1.88 -7.21 3.84
C ARG A 79 1.53 -5.73 3.93
N LEU A 80 0.24 -5.39 3.83
CA LEU A 80 -0.12 -4.00 3.96
C LEU A 80 0.22 -3.47 5.35
N LYS A 81 -0.01 -4.27 6.41
CA LYS A 81 0.31 -3.85 7.77
C LYS A 81 1.82 -3.60 7.87
N LYS A 82 2.66 -4.39 7.18
CA LYS A 82 4.09 -4.14 7.17
C LYS A 82 4.41 -2.81 6.49
N ILE A 83 3.83 -2.56 5.31
CA ILE A 83 4.04 -1.28 4.63
C ILE A 83 3.57 -0.12 5.50
N GLN A 84 2.43 -0.27 6.18
CA GLN A 84 1.91 0.77 7.08
C GLN A 84 2.93 1.14 8.13
N ALA A 85 3.62 0.15 8.71
CA ALA A 85 4.61 0.46 9.73
C ALA A 85 5.85 1.12 9.14
N MET A 86 6.27 0.70 7.95
CA MET A 86 7.42 1.35 7.32
C MET A 86 7.05 2.74 6.87
N PHE A 87 5.81 2.95 6.44
CA PHE A 87 5.33 4.29 6.10
C PHE A 87 5.39 5.22 7.30
N ALA A 88 4.86 4.78 8.45
CA ALA A 88 4.94 5.58 9.66
C ALA A 88 6.38 5.90 9.99
N ALA A 89 7.26 4.89 9.93
CA ALA A 89 8.68 5.09 10.17
C ALA A 89 9.27 6.11 9.20
N ALA A 90 8.81 6.11 7.96
CA ALA A 90 9.40 6.97 6.93
C ALA A 90 9.01 8.42 7.10
N VAL A 91 7.77 8.66 7.44
CA VAL A 91 7.32 10.03 7.69
C VAL A 91 8.10 10.59 8.87
N ASN A 92 8.29 9.76 9.91
CA ASN A 92 9.03 10.19 11.09
C ASN A 92 10.48 10.52 10.70
N ALA A 93 11.10 9.65 9.90
CA ALA A 93 12.46 9.88 9.43
C ALA A 93 12.56 11.10 8.52
N PHE A 94 11.62 11.26 7.58
CA PHE A 94 11.61 12.48 6.76
C PHE A 94 11.48 13.75 7.59
N ARG A 95 10.61 13.76 8.60
CA ARG A 95 10.44 14.94 9.44
C ARG A 95 11.66 15.23 10.31
N ALA A 96 12.40 14.20 10.73
CA ALA A 96 13.65 14.33 11.48
C ALA A 96 14.82 14.72 10.60
N GLY A 97 14.65 14.77 9.25
CA GLY A 97 15.75 15.08 8.37
C GLY A 97 16.76 13.98 8.18
N ASP A 98 16.36 12.73 8.48
CA ASP A 98 17.30 11.61 8.39
C ASP A 98 17.19 11.00 6.99
N ARG A 99 18.12 11.38 6.12
CA ARG A 99 18.03 11.03 4.72
C ARG A 99 18.35 9.56 4.51
N GLU A 100 19.23 9.01 5.34
CA GLU A 100 19.62 7.61 5.19
C GLU A 100 18.44 6.70 5.52
N ALA A 101 17.77 7.00 6.64
CA ALA A 101 16.60 6.26 7.04
C ALA A 101 15.48 6.42 6.03
N PHE A 102 15.25 7.64 5.56
CA PHE A 102 14.15 7.85 4.62
C PHE A 102 14.40 7.15 3.30
N GLY A 103 15.60 7.31 2.73
CA GLY A 103 15.91 6.63 1.47
C GLY A 103 15.83 5.11 1.59
N ALA A 104 16.31 4.56 2.71
CA ALA A 104 16.25 3.13 2.91
C ALA A 104 14.80 2.65 3.01
N LEU A 105 13.94 3.37 3.75
CA LEU A 105 12.56 2.95 3.86
C LEU A 105 11.79 3.09 2.54
N LEU A 106 12.04 4.15 1.76
CA LEU A 106 11.33 4.28 0.49
C LEU A 106 11.61 3.08 -0.39
N GLU A 107 12.89 2.72 -0.50
CA GLU A 107 13.32 1.58 -1.28
C GLU A 107 12.62 0.32 -0.81
N ALA A 108 12.62 0.08 0.50
CA ALA A 108 11.96 -1.12 1.04
C ALA A 108 10.45 -1.09 0.82
N ILE A 109 9.81 0.05 0.99
CA ILE A 109 8.37 0.15 0.80
C ILE A 109 8.02 -0.18 -0.64
N ILE A 110 8.79 0.36 -1.59
CA ILE A 110 8.49 0.13 -3.01
C ILE A 110 8.68 -1.32 -3.35
N ASN A 111 9.71 -1.96 -2.79
CA ASN A 111 9.92 -3.37 -3.05
C ASN A 111 8.75 -4.19 -2.52
N GLU A 112 8.23 -3.83 -1.35
CA GLU A 112 7.05 -4.54 -0.85
C GLU A 112 5.83 -4.28 -1.73
N GLY A 113 5.61 -3.02 -2.14
CA GLY A 113 4.44 -2.72 -2.95
C GLY A 113 4.45 -3.43 -4.30
N LYS A 114 5.63 -3.49 -4.93
CA LYS A 114 5.73 -4.18 -6.21
C LYS A 114 5.26 -5.62 -6.07
N ALA A 115 5.54 -6.25 -4.93
CA ALA A 115 5.22 -7.65 -4.79
C ALA A 115 3.74 -7.90 -4.57
N LEU A 116 2.96 -6.87 -4.27
CA LEU A 116 1.55 -7.07 -4.07
C LEU A 116 0.75 -7.21 -5.35
N LEU A 117 1.22 -6.71 -6.49
CA LEU A 117 0.43 -6.77 -7.71
C LEU A 117 0.08 -8.20 -8.12
N PRO A 118 1.00 -9.18 -8.15
CA PRO A 118 0.55 -10.57 -8.44
C PRO A 118 -0.39 -11.14 -7.41
N LEU A 119 -0.30 -10.70 -6.17
CA LEU A 119 -1.21 -11.22 -5.16
C LEU A 119 -2.63 -10.69 -5.37
N VAL A 120 -2.75 -9.41 -5.76
CA VAL A 120 -4.04 -8.84 -6.16
C VAL A 120 -4.60 -9.59 -7.36
N GLU A 121 -3.72 -9.99 -8.29
CA GLU A 121 -4.19 -10.75 -9.44
C GLU A 121 -4.79 -12.07 -9.00
N ALA A 122 -4.14 -12.76 -8.05
CA ALA A 122 -4.66 -14.03 -7.56
C ALA A 122 -5.98 -13.84 -6.81
N ILE A 123 -6.08 -12.75 -6.01
CA ILE A 123 -7.32 -12.47 -5.32
C ILE A 123 -8.48 -12.32 -6.31
N LYS A 124 -8.23 -11.69 -7.46
CA LYS A 124 -9.28 -11.52 -8.48
C LYS A 124 -9.80 -12.87 -8.95
N GLU A 125 -8.90 -13.82 -9.22
CA GLU A 125 -9.28 -15.16 -9.62
C GLU A 125 -10.04 -15.88 -8.52
N ALA A 126 -9.72 -15.60 -7.25
CA ALA A 126 -10.20 -16.42 -6.15
C ALA A 126 -11.57 -16.01 -5.65
N ILE A 127 -11.97 -14.76 -5.85
CA ILE A 127 -13.27 -14.27 -5.37
C ILE A 127 -14.36 -14.73 -6.35
#